data_5LIX
#
_entry.id   5LIX
#
_cell.length_a   79.565
_cell.length_b   79.565
_cell.length_c   50.061
_cell.angle_alpha   90.00
_cell.angle_beta   90.00
_cell.angle_gamma   120.00
#
_symmetry.space_group_name_H-M   'P 31'
#
loop_
_entity.id
_entity.type
_entity.pdbx_description
1 polymer 'Aldo-keto reductase family 1 member B10'
2 non-polymer 'NADP NICOTINAMIDE-ADENINE-DINUCLEOTIDE PHOSPHATE'
3 non-polymer '{5-chloro-2-[(2,4,6-tribromobenzyl)carbamoyl]phenoxy}acetic acid'
4 non-polymer 1,2-ETHANEDIOL
5 water water
#
_entity_poly.entity_id   1
_entity_poly.type   'polypeptide(L)'
_entity_poly.pdbx_seq_one_letter_code
;MATFVELSTKA(MLZ)MPIVGLGTWKSPLG(MLY)V(MLZ)EAV(MLY)VAIDAGYRHIDCAYVYQNEHEVGEAIQE
(MLZ)IQE(MLY)AVKREDLFIVSKLWPTFFERPLVRKAFE(MLY)TL(MLZ)DLKLSYLDVYLIHWPQGFKSGDDLFPR
DDKGNAIGGKATFLDAWEAMEELVDEGLV(MLZ)ALGVSNFSHFQIEKLLNKPGL(MLZ)YKPVTNQVECHPYLTQEKLI
QYCHS(MLY)GITVTAYSPLGSPDRPWAKPEDPSLLEDP(MLZ)IKEIAAKH(MLY)(MLZ)TAAQVLIRFHIQRNVIVI
P(MLY)SVTPARIVENIQVFDFKLSDEEMATILSFNRNWRACNLLQSSHLEDYPFNAEY
;
_entity_poly.pdbx_strand_id   X
#
# COMPACT_ATOMS: atom_id res chain seq x y z
N MET A 1 5.29 -15.85 11.21
CA MET A 1 4.09 -16.42 10.58
C MET A 1 4.22 -16.36 9.06
N ALA A 2 4.15 -15.15 8.51
CA ALA A 2 4.38 -14.93 7.07
C ALA A 2 5.87 -15.04 6.71
N THR A 3 6.13 -15.38 5.45
N THR A 3 6.14 -15.42 5.48
CA THR A 3 7.49 -15.30 4.93
CA THR A 3 7.48 -15.30 4.95
C THR A 3 7.83 -13.84 4.65
C THR A 3 7.74 -13.82 4.64
N PHE A 4 9.02 -13.58 4.12
N PHE A 4 8.86 -13.55 3.98
CA PHE A 4 9.49 -12.21 3.94
CA PHE A 4 9.41 -12.20 3.92
C PHE A 4 9.89 -11.90 2.51
C PHE A 4 9.90 -11.89 2.52
N VAL A 5 10.00 -10.60 2.20
CA VAL A 5 10.64 -10.16 0.98
C VAL A 5 11.78 -9.25 1.39
N GLU A 6 12.99 -9.56 0.92
CA GLU A 6 14.14 -8.79 1.33
C GLU A 6 14.21 -7.47 0.57
N LEU A 7 14.34 -6.37 1.31
CA LEU A 7 14.47 -5.07 0.68
C LEU A 7 15.93 -4.78 0.31
N SER A 8 16.14 -3.76 -0.52
CA SER A 8 17.49 -3.36 -0.91
C SER A 8 18.37 -2.96 0.29
N THR A 9 17.73 -2.63 1.40
CA THR A 9 18.39 -2.25 2.65
C THR A 9 18.68 -3.46 3.55
N LYS A 10 18.34 -4.64 3.04
CA LYS A 10 18.39 -5.90 3.79
C LYS A 10 17.33 -6.04 4.89
N ALA A 11 16.47 -5.04 5.09
CA ALA A 11 15.33 -5.23 6.00
C ALA A 11 14.38 -6.30 5.44
N MET A 13 10.67 -7.49 4.92
CA MET A 13 9.29 -6.99 4.92
C MET A 13 8.36 -8.17 4.79
N PRO A 14 7.52 -8.41 5.82
CA PRO A 14 6.54 -9.50 5.87
C PRO A 14 5.63 -9.43 4.65
N ILE A 15 5.46 -10.57 4.00
CA ILE A 15 4.89 -10.57 2.67
C ILE A 15 3.36 -10.42 2.70
N VAL A 16 2.74 -10.73 3.84
CA VAL A 16 1.33 -10.37 4.05
C VAL A 16 1.21 -9.28 5.10
N GLY A 17 0.47 -8.21 4.81
CA GLY A 17 0.28 -7.17 5.79
C GLY A 17 -1.18 -6.89 6.01
N LEU A 18 -1.52 -6.18 7.09
CA LEU A 18 -2.89 -5.74 7.32
C LEU A 18 -3.15 -4.33 6.76
N GLY A 19 -4.14 -4.22 5.88
CA GLY A 19 -4.60 -2.91 5.41
C GLY A 19 -5.49 -2.26 6.44
N THR A 20 -5.50 -0.93 6.47
CA THR A 20 -6.31 -0.19 7.43
C THR A 20 -7.18 0.91 6.79
N TRP A 21 -7.13 1.05 5.47
CA TRP A 21 -7.98 2.04 4.80
C TRP A 21 -9.45 1.75 5.03
N LYS A 22 -10.16 2.77 5.53
CA LYS A 22 -11.59 2.68 5.83
C LYS A 22 -11.93 1.78 7.01
N SER A 23 -10.92 1.35 7.74
CA SER A 23 -11.20 0.60 8.97
C SER A 23 -11.71 1.55 10.06
N PRO A 24 -12.99 1.39 10.46
CA PRO A 24 -13.63 2.38 11.34
C PRO A 24 -13.03 2.43 12.75
N LEU A 25 -13.13 3.59 13.39
CA LEU A 25 -12.77 3.71 14.80
C LEU A 25 -13.70 2.83 15.62
N GLY A 26 -13.15 2.09 16.56
CA GLY A 26 -13.98 1.16 17.32
C GLY A 26 -14.03 -0.21 16.67
N VAL A 28 -10.97 -0.76 14.25
CA VAL A 28 -9.58 -0.91 13.78
C VAL A 28 -8.61 -1.33 14.90
N GLU A 30 -9.41 -3.32 17.46
CA GLU A 30 -9.61 -4.76 17.60
C GLU A 30 -9.08 -5.53 16.38
N ALA A 31 -9.23 -4.97 15.19
CA ALA A 31 -8.62 -5.59 13.99
C ALA A 31 -7.11 -5.80 14.11
N VAL A 32 -6.39 -4.77 14.54
CA VAL A 32 -4.94 -4.83 14.68
C VAL A 32 -4.56 -5.85 15.76
N VAL A 34 -6.33 -8.55 16.83
CA VAL A 34 -6.57 -9.86 16.23
C VAL A 34 -5.50 -10.24 15.23
N ALA A 35 -5.07 -9.28 14.41
CA ALA A 35 -4.06 -9.57 13.40
C ALA A 35 -2.72 -9.97 14.03
N ILE A 36 -2.27 -9.20 15.01
CA ILE A 36 -1.02 -9.55 15.68
C ILE A 36 -1.12 -10.95 16.35
N ASP A 37 -2.24 -11.22 17.00
CA ASP A 37 -2.48 -12.56 17.55
C ASP A 37 -2.41 -13.64 16.49
N ALA A 38 -2.89 -13.33 15.28
CA ALA A 38 -2.91 -14.31 14.19
C ALA A 38 -1.57 -14.41 13.48
N GLY A 39 -0.60 -13.59 13.89
CA GLY A 39 0.72 -13.70 13.32
C GLY A 39 1.11 -12.58 12.35
N TYR A 40 0.21 -11.65 12.09
CA TYR A 40 0.55 -10.49 11.26
C TYR A 40 1.60 -9.67 11.99
N ARG A 41 2.57 -9.15 11.25
CA ARG A 41 3.60 -8.28 11.81
C ARG A 41 3.68 -6.96 11.03
N HIS A 42 3.17 -7.01 9.80
CA HIS A 42 3.18 -5.88 8.87
C HIS A 42 1.82 -5.18 8.88
N ILE A 43 1.81 -3.90 9.24
CA ILE A 43 0.57 -3.11 9.28
C ILE A 43 0.71 -1.88 8.40
N ASP A 44 -0.23 -1.73 7.45
CA ASP A 44 -0.18 -0.64 6.48
C ASP A 44 -1.13 0.48 6.87
N CYS A 45 -0.56 1.66 7.07
CA CYS A 45 -1.27 2.80 7.63
C CYS A 45 -1.13 4.02 6.71
N ALA A 46 -1.92 5.05 6.97
CA ALA A 46 -1.71 6.36 6.35
C ALA A 46 -2.29 7.50 7.16
N TYR A 47 -1.66 8.68 7.06
CA TYR A 47 -2.19 9.92 7.62
C TYR A 47 -3.64 10.11 7.19
N VAL A 48 -3.88 9.91 5.90
CA VAL A 48 -5.16 10.24 5.31
C VAL A 48 -6.31 9.33 5.76
N TYR A 49 -6.00 8.16 6.33
CA TYR A 49 -7.07 7.27 6.82
C TYR A 49 -7.69 7.79 8.12
N GLN A 50 -6.96 8.69 8.79
CA GLN A 50 -7.40 9.35 10.03
C GLN A 50 -7.79 8.37 11.12
N ASN A 51 -7.08 7.25 11.17
CA ASN A 51 -7.29 6.24 12.19
C ASN A 51 -5.99 5.77 12.82
N GLU A 52 -4.90 6.49 12.54
CA GLU A 52 -3.60 6.04 13.02
C GLU A 52 -3.53 6.04 14.55
N HIS A 53 -4.29 6.94 15.18
CA HIS A 53 -4.27 7.04 16.64
C HIS A 53 -4.84 5.79 17.32
N GLU A 54 -5.81 5.14 16.67
CA GLU A 54 -6.38 3.90 17.19
C GLU A 54 -5.51 2.69 16.83
N VAL A 55 -4.84 2.74 15.67
CA VAL A 55 -3.86 1.73 15.33
C VAL A 55 -2.72 1.75 16.36
N GLY A 56 -2.27 2.94 16.72
CA GLY A 56 -1.23 3.11 17.71
C GLY A 56 -1.61 2.50 19.06
N GLU A 57 -2.85 2.75 19.47
CA GLU A 57 -3.42 2.17 20.69
C GLU A 57 -3.22 0.65 20.71
N ALA A 58 -3.60 0.00 19.62
CA ALA A 58 -3.60 -1.45 19.52
C ALA A 58 -2.18 -1.99 19.53
N ILE A 59 -1.30 -1.34 18.79
CA ILE A 59 0.11 -1.74 18.77
C ILE A 59 0.75 -1.65 20.16
N GLN A 60 0.52 -0.53 20.84
CA GLN A 60 1.10 -0.35 22.18
C GLN A 60 0.58 -1.41 23.15
N GLU A 61 -0.71 -1.70 23.08
CA GLU A 61 -1.31 -2.74 23.93
C GLU A 61 -0.61 -4.10 23.73
N ILE A 63 2.36 -4.75 22.46
CA ILE A 63 3.76 -4.70 22.87
C ILE A 63 3.88 -4.82 24.39
N GLN A 64 3.09 -4.04 25.13
N GLN A 64 3.09 -4.04 25.12
CA GLN A 64 3.20 -4.06 26.59
CA GLN A 64 3.12 -4.04 26.57
C GLN A 64 2.67 -5.34 27.23
C GLN A 64 2.87 -5.44 27.14
N GLU A 65 1.90 -6.12 26.47
N GLU A 65 1.84 -6.11 26.63
CA GLU A 65 1.41 -7.41 26.94
CA GLU A 65 1.47 -7.45 27.10
C GLU A 65 2.32 -8.56 26.47
C GLU A 65 2.35 -8.57 26.53
N ALA A 67 2.89 -9.82 23.60
CA ALA A 67 2.50 -10.59 22.43
C ALA A 67 3.52 -10.44 21.30
N VAL A 68 4.23 -9.31 21.29
CA VAL A 68 5.14 -9.00 20.20
C VAL A 68 6.11 -7.91 20.64
N LYS A 69 7.26 -7.84 19.96
CA LYS A 69 8.27 -6.82 20.21
C LYS A 69 8.30 -5.86 19.02
N ARG A 70 8.65 -4.60 19.26
CA ARG A 70 8.67 -3.59 18.19
C ARG A 70 9.55 -4.00 17.01
N GLU A 71 10.71 -4.56 17.30
CA GLU A 71 11.68 -4.96 16.28
C GLU A 71 11.10 -5.99 15.30
N ASP A 72 10.09 -6.72 15.74
CA ASP A 72 9.47 -7.73 14.87
C ASP A 72 8.23 -7.20 14.14
N LEU A 73 7.81 -5.99 14.49
CA LEU A 73 6.71 -5.35 13.79
C LEU A 73 7.28 -4.58 12.60
N PHE A 74 6.46 -4.39 11.58
CA PHE A 74 6.88 -3.67 10.38
C PHE A 74 5.78 -2.68 10.09
N ILE A 75 6.01 -1.42 10.43
CA ILE A 75 4.95 -0.43 10.35
C ILE A 75 5.19 0.57 9.22
N VAL A 76 4.18 0.75 8.39
CA VAL A 76 4.28 1.58 7.19
C VAL A 76 3.26 2.69 7.26
N SER A 77 3.68 3.92 6.99
CA SER A 77 2.71 5.00 6.77
C SER A 77 3.09 5.78 5.52
N LYS A 78 2.36 6.86 5.27
CA LYS A 78 2.40 7.49 3.97
C LYS A 78 2.20 8.99 4.09
N LEU A 79 2.94 9.73 3.29
CA LEU A 79 2.84 11.17 3.28
C LEU A 79 1.82 11.58 2.23
N TRP A 80 0.81 12.31 2.67
CA TRP A 80 -0.24 12.81 1.79
C TRP A 80 0.26 14.02 0.97
N PRO A 81 -0.17 14.14 -0.30
CA PRO A 81 0.34 15.18 -1.20
C PRO A 81 -0.04 16.65 -0.93
N THR A 82 -0.84 16.96 0.09
CA THR A 82 -0.96 18.36 0.50
C THR A 82 0.18 18.77 1.43
N PHE A 83 1.09 17.84 1.69
CA PHE A 83 2.18 18.13 2.63
C PHE A 83 3.54 17.98 1.96
N PHE A 84 3.64 18.30 0.67
CA PHE A 84 4.93 18.13 -0.03
C PHE A 84 5.93 19.27 0.24
N GLU A 85 5.45 20.44 0.64
CA GLU A 85 6.35 21.50 1.06
C GLU A 85 7.20 21.04 2.24
N ARG A 86 8.49 21.33 2.19
CA ARG A 86 9.45 20.82 3.17
C ARG A 86 9.00 20.84 4.65
N PRO A 87 8.56 22.00 5.16
CA PRO A 87 8.23 22.03 6.60
C PRO A 87 6.98 21.22 6.93
N LEU A 88 6.06 21.09 5.98
CA LEU A 88 4.85 20.31 6.17
C LEU A 88 5.12 18.81 6.21
N VAL A 89 6.14 18.37 5.48
CA VAL A 89 6.56 16.95 5.52
C VAL A 89 6.86 16.56 6.96
N ARG A 90 7.67 17.36 7.64
CA ARG A 90 8.04 17.06 9.02
C ARG A 90 6.84 17.00 9.96
N LYS A 91 5.97 17.99 9.84
CA LYS A 91 4.79 18.12 10.69
C LYS A 91 3.78 17.00 10.47
N ALA A 92 3.60 16.62 9.21
CA ALA A 92 2.68 15.54 8.90
C ALA A 92 3.23 14.25 9.46
N PHE A 93 4.53 14.03 9.28
CA PHE A 93 5.18 12.86 9.80
C PHE A 93 5.08 12.79 11.30
N GLU A 94 5.32 13.92 11.96
CA GLU A 94 5.31 13.94 13.41
C GLU A 94 3.95 13.53 13.97
N THR A 96 1.66 11.69 12.38
CA THR A 96 1.58 10.25 12.13
C THR A 96 2.34 9.43 13.18
N LEU A 97 3.57 9.82 13.46
CA LEU A 97 4.38 9.07 14.41
C LEU A 97 3.78 9.19 15.81
N ASP A 99 0.54 9.84 16.56
CA ASP A 99 -0.67 9.03 16.52
C ASP A 99 -0.36 7.54 16.70
N LEU A 100 0.67 7.05 16.00
CA LEU A 100 0.97 5.63 16.04
C LEU A 100 1.66 5.23 17.33
N LYS A 101 2.11 6.25 18.08
CA LYS A 101 2.76 6.07 19.36
C LYS A 101 4.05 5.26 19.23
N LEU A 102 4.79 5.53 18.16
CA LEU A 102 6.01 4.78 17.87
C LEU A 102 7.23 5.70 17.89
N SER A 103 8.42 5.11 17.93
CA SER A 103 9.65 5.90 17.93
C SER A 103 10.26 6.00 16.53
N TYR A 104 9.83 5.08 15.67
CA TYR A 104 10.24 5.11 14.27
C TYR A 104 9.21 4.35 13.42
N LEU A 105 9.26 4.60 12.11
CA LEU A 105 8.47 3.85 11.15
C LEU A 105 9.41 2.95 10.38
N ASP A 106 8.93 1.79 9.96
CA ASP A 106 9.76 0.94 9.12
C ASP A 106 9.87 1.46 7.70
N VAL A 107 8.75 1.84 7.10
CA VAL A 107 8.79 2.49 5.79
C VAL A 107 7.87 3.69 5.75
N TYR A 108 8.31 4.77 5.12
CA TYR A 108 7.43 5.91 4.94
C TYR A 108 7.29 6.14 3.43
N LEU A 109 6.04 6.15 2.95
CA LEU A 109 5.82 6.23 1.52
C LEU A 109 5.27 7.57 1.05
N ILE A 110 5.65 7.97 -0.15
CA ILE A 110 4.89 9.01 -0.84
C ILE A 110 3.56 8.36 -1.26
N HIS A 111 2.44 8.92 -0.81
CA HIS A 111 1.13 8.29 -1.04
C HIS A 111 0.68 8.38 -2.50
N TRP A 112 0.94 9.54 -3.13
CA TRP A 112 0.51 9.81 -4.50
C TRP A 112 1.53 10.77 -5.11
N PRO A 113 1.87 10.61 -6.41
CA PRO A 113 3.00 11.39 -6.94
C PRO A 113 2.70 12.85 -7.21
N GLN A 114 1.42 13.21 -7.34
CA GLN A 114 1.08 14.59 -7.69
C GLN A 114 0.88 15.46 -6.48
N GLY A 115 1.51 16.63 -6.47
CA GLY A 115 1.33 17.58 -5.38
C GLY A 115 -0.02 18.31 -5.42
N PHE A 116 -0.67 18.41 -4.27
CA PHE A 116 -1.94 19.14 -4.19
C PHE A 116 -1.71 20.43 -3.42
N LYS A 117 -2.72 21.31 -3.41
CA LYS A 117 -2.59 22.57 -2.71
C LYS A 117 -2.18 22.32 -1.27
N SER A 118 -1.11 22.98 -0.84
N SER A 118 -1.11 22.98 -0.84
CA SER A 118 -0.53 22.71 0.47
CA SER A 118 -0.55 22.68 0.47
C SER A 118 -1.46 23.11 1.61
C SER A 118 -1.48 23.10 1.61
N GLY A 119 -1.47 22.30 2.68
CA GLY A 119 -2.31 22.60 3.81
C GLY A 119 -3.10 21.44 4.38
N ASP A 120 -3.99 21.76 5.30
CA ASP A 120 -4.69 20.72 6.04
C ASP A 120 -6.09 20.42 5.50
N ASP A 121 -6.44 21.07 4.39
CA ASP A 121 -7.54 20.62 3.56
C ASP A 121 -6.95 19.46 2.75
N LEU A 122 -7.34 18.24 3.09
CA LEU A 122 -6.73 17.07 2.49
C LEU A 122 -7.17 16.84 1.04
N PHE A 123 -8.37 17.31 0.70
CA PHE A 123 -8.90 17.05 -0.64
C PHE A 123 -9.32 18.35 -1.32
N PRO A 124 -8.34 19.21 -1.62
CA PRO A 124 -8.72 20.49 -2.22
C PRO A 124 -9.20 20.25 -3.65
N ARG A 125 -10.36 20.80 -3.99
CA ARG A 125 -10.90 20.57 -5.32
C ARG A 125 -11.78 21.71 -5.80
N ASP A 126 -11.96 21.82 -7.11
CA ASP A 126 -12.84 22.85 -7.64
C ASP A 126 -14.30 22.42 -7.52
N ASP A 127 -15.21 23.23 -8.06
CA ASP A 127 -16.65 22.96 -8.06
C ASP A 127 -17.03 21.59 -8.64
N LYS A 128 -16.31 21.21 -9.69
CA LYS A 128 -16.60 19.98 -10.43
C LYS A 128 -15.93 18.77 -9.77
N GLY A 129 -15.10 19.03 -8.77
CA GLY A 129 -14.46 17.95 -8.02
C GLY A 129 -13.05 17.62 -8.47
N ASN A 130 -12.54 18.37 -9.44
CA ASN A 130 -11.16 18.21 -9.90
C ASN A 130 -10.17 18.70 -8.82
N ALA A 131 -9.12 17.94 -8.57
CA ALA A 131 -8.15 18.29 -7.52
C ALA A 131 -7.37 19.57 -7.82
N ILE A 132 -7.12 20.37 -6.80
CA ILE A 132 -6.34 21.58 -6.98
C ILE A 132 -4.86 21.31 -6.74
N GLY A 133 -4.03 21.62 -7.74
CA GLY A 133 -2.61 21.33 -7.67
C GLY A 133 -1.86 22.20 -6.67
N GLY A 134 -0.68 21.74 -6.26
CA GLY A 134 0.21 22.59 -5.50
C GLY A 134 1.54 22.66 -6.23
N LYS A 135 2.36 23.65 -5.88
CA LYS A 135 3.68 23.84 -6.51
C LYS A 135 4.73 22.81 -6.06
N ALA A 136 4.73 22.44 -4.79
CA ALA A 136 5.71 21.46 -4.31
C ALA A 136 5.55 20.10 -4.98
N THR A 137 6.66 19.49 -5.36
CA THR A 137 6.62 18.21 -6.09
C THR A 137 7.03 17.04 -5.19
N PHE A 138 6.84 15.81 -5.68
CA PHE A 138 7.22 14.65 -4.87
C PHE A 138 8.75 14.56 -4.66
N LEU A 139 9.49 15.30 -5.49
CA LEU A 139 10.92 15.36 -5.31
C LEU A 139 11.25 16.30 -4.15
N ASP A 140 10.51 17.41 -4.04
CA ASP A 140 10.60 18.27 -2.85
C ASP A 140 10.34 17.46 -1.59
N ALA A 141 9.31 16.62 -1.66
CA ALA A 141 8.90 15.80 -0.53
C ALA A 141 9.98 14.79 -0.16
N TRP A 142 10.57 14.15 -1.18
CA TRP A 142 11.54 13.09 -0.98
C TRP A 142 12.75 13.64 -0.23
N GLU A 143 13.18 14.83 -0.62
CA GLU A 143 14.24 15.56 0.05
C GLU A 143 14.00 15.68 1.57
N ALA A 144 12.81 16.14 1.95
CA ALA A 144 12.48 16.25 3.37
C ALA A 144 12.38 14.91 4.07
N MET A 145 11.86 13.90 3.36
CA MET A 145 11.77 12.56 3.93
C MET A 145 13.14 11.92 4.16
N GLU A 146 14.11 12.25 3.32
CA GLU A 146 15.45 11.69 3.48
C GLU A 146 16.08 12.09 4.82
N GLU A 147 15.71 13.24 5.37
N GLU A 147 15.68 13.25 5.34
CA GLU A 147 16.25 13.63 6.66
CA GLU A 147 16.13 13.72 6.65
C GLU A 147 15.66 12.82 7.80
C GLU A 147 15.69 12.74 7.73
N LEU A 148 14.42 12.35 7.64
CA LEU A 148 13.83 11.41 8.60
C LEU A 148 14.64 10.12 8.69
N VAL A 149 15.10 9.65 7.55
CA VAL A 149 15.96 8.47 7.51
C VAL A 149 17.31 8.82 8.13
N ASP A 150 17.86 9.98 7.77
CA ASP A 150 19.14 10.41 8.37
C ASP A 150 19.06 10.38 9.90
N GLU A 151 17.91 10.75 10.45
CA GLU A 151 17.73 10.88 11.89
C GLU A 151 17.29 9.59 12.57
N GLY A 152 17.10 8.55 11.76
CA GLY A 152 16.68 7.27 12.29
C GLY A 152 15.19 7.22 12.65
N LEU A 153 14.44 8.21 12.19
CA LEU A 153 13.01 8.22 12.47
C LEU A 153 12.25 7.31 11.51
N VAL A 154 12.87 7.00 10.37
CA VAL A 154 12.28 6.12 9.37
C VAL A 154 13.40 5.24 8.86
N ALA A 156 13.35 3.19 6.12
CA ALA A 156 13.42 3.20 4.65
C ALA A 156 12.27 4.00 4.02
N LEU A 157 12.47 4.43 2.78
CA LEU A 157 11.48 5.24 2.10
C LEU A 157 10.91 4.48 0.92
N GLY A 158 9.69 4.83 0.52
CA GLY A 158 9.12 4.23 -0.68
C GLY A 158 8.10 5.13 -1.35
N VAL A 159 7.48 4.58 -2.39
CA VAL A 159 6.53 5.34 -3.19
C VAL A 159 5.25 4.53 -3.38
N SER A 160 4.18 5.22 -3.77
CA SER A 160 2.90 4.56 -3.99
C SER A 160 2.19 5.22 -5.17
N ASN A 161 1.58 4.39 -6.01
CA ASN A 161 0.90 4.85 -7.21
C ASN A 161 1.83 5.56 -8.19
N PHE A 162 3.07 5.10 -8.28
CA PHE A 162 4.03 5.64 -9.22
C PHE A 162 4.08 4.76 -10.45
N SER A 163 4.12 5.37 -11.63
CA SER A 163 4.44 4.60 -12.84
C SER A 163 5.95 4.54 -12.97
N HIS A 164 6.45 3.76 -13.93
CA HIS A 164 7.90 3.63 -14.08
C HIS A 164 8.52 4.94 -14.49
N PHE A 165 7.71 5.82 -15.07
CA PHE A 165 8.17 7.17 -15.41
C PHE A 165 8.46 8.01 -14.18
N GLN A 166 7.63 7.92 -13.15
CA GLN A 166 7.89 8.72 -11.96
C GLN A 166 9.04 8.15 -11.16
N ILE A 167 9.18 6.82 -11.17
CA ILE A 167 10.28 6.16 -10.46
C ILE A 167 11.60 6.48 -11.14
N GLU A 168 11.61 6.47 -12.46
CA GLU A 168 12.79 6.87 -13.23
C GLU A 168 13.21 8.30 -12.85
N LYS A 169 12.22 9.18 -12.73
CA LYS A 169 12.43 10.58 -12.36
C LYS A 169 13.02 10.68 -10.96
N LEU A 170 12.58 9.78 -10.09
CA LEU A 170 13.12 9.71 -8.73
C LEU A 170 14.53 9.18 -8.78
N LEU A 171 14.70 8.04 -9.44
CA LEU A 171 15.99 7.35 -9.45
C LEU A 171 17.05 8.17 -10.17
N ASN A 172 16.64 8.96 -11.16
CA ASN A 172 17.57 9.76 -11.96
C ASN A 172 17.82 11.17 -11.40
N LYS A 173 17.26 11.47 -10.24
CA LYS A 173 17.47 12.79 -9.65
C LYS A 173 18.88 12.87 -9.12
N PRO A 174 19.66 13.86 -9.59
CA PRO A 174 21.02 13.98 -9.07
C PRO A 174 20.99 14.36 -7.60
N GLY A 175 21.79 13.69 -6.78
CA GLY A 175 21.92 14.06 -5.38
C GLY A 175 21.02 13.26 -4.46
N LEU A 176 20.38 12.23 -5.01
CA LEU A 176 19.55 11.30 -4.22
C LEU A 176 20.34 10.59 -3.14
N TYR A 178 18.68 8.36 -0.69
CA TYR A 178 18.01 7.09 -0.46
C TYR A 178 17.09 6.71 -1.62
N LYS A 179 17.05 5.42 -1.92
CA LYS A 179 16.22 4.92 -3.00
C LYS A 179 14.96 4.31 -2.41
N PRO A 180 13.87 4.25 -3.19
CA PRO A 180 12.65 3.62 -2.70
C PRO A 180 12.79 2.10 -2.57
N VAL A 181 12.30 1.57 -1.46
CA VAL A 181 12.38 0.14 -1.22
C VAL A 181 11.17 -0.60 -1.79
N THR A 182 10.07 0.11 -2.01
CA THR A 182 8.87 -0.52 -2.55
C THR A 182 8.05 0.50 -3.32
N ASN A 183 7.20 0.00 -4.20
CA ASN A 183 6.18 0.81 -4.85
C ASN A 183 4.84 0.15 -4.59
N GLN A 184 3.98 0.84 -3.84
CA GLN A 184 2.72 0.26 -3.45
C GLN A 184 1.66 0.65 -4.47
N VAL A 185 1.11 -0.36 -5.16
CA VAL A 185 0.15 -0.11 -6.24
C VAL A 185 -0.98 -1.12 -6.21
N GLU A 186 -2.09 -0.75 -6.84
CA GLU A 186 -3.19 -1.68 -7.00
C GLU A 186 -2.67 -2.86 -7.80
N CYS A 187 -3.03 -4.07 -7.39
CA CYS A 187 -2.62 -5.25 -8.12
C CYS A 187 -3.49 -6.43 -7.74
N HIS A 188 -3.98 -7.13 -8.76
CA HIS A 188 -4.87 -8.26 -8.61
C HIS A 188 -5.04 -8.86 -10.00
N PRO A 189 -5.80 -9.96 -10.11
CA PRO A 189 -5.83 -10.59 -11.42
C PRO A 189 -6.43 -9.75 -12.56
N TYR A 190 -7.19 -8.70 -12.25
CA TYR A 190 -7.72 -7.85 -13.32
C TYR A 190 -6.72 -6.75 -13.67
N LEU A 191 -5.71 -6.58 -12.82
CA LEU A 191 -4.70 -5.54 -13.03
C LEU A 191 -3.39 -6.14 -12.53
N THR A 192 -2.77 -6.93 -13.40
N THR A 192 -2.78 -6.96 -13.38
CA THR A 192 -1.67 -7.83 -12.99
CA THR A 192 -1.67 -7.81 -12.95
C THR A 192 -0.32 -7.13 -12.98
C THR A 192 -0.35 -7.07 -12.87
N GLN A 193 -0.28 -5.91 -13.54
CA GLN A 193 0.91 -5.06 -13.48
C GLN A 193 2.20 -5.72 -13.95
N GLU A 194 2.14 -6.55 -14.98
CA GLU A 194 3.34 -7.30 -15.35
C GLU A 194 4.57 -6.44 -15.63
N LYS A 195 4.38 -5.40 -16.45
CA LYS A 195 5.49 -4.53 -16.85
C LYS A 195 6.04 -3.70 -15.70
N LEU A 196 5.17 -3.21 -14.83
CA LEU A 196 5.63 -2.43 -13.67
C LEU A 196 6.39 -3.27 -12.66
N ILE A 197 5.88 -4.46 -12.37
CA ILE A 197 6.57 -5.36 -11.43
C ILE A 197 7.96 -5.72 -11.98
N GLN A 198 8.02 -6.08 -13.25
CA GLN A 198 9.28 -6.37 -13.92
C GLN A 198 10.23 -5.17 -13.80
N TYR A 199 9.74 -3.97 -14.11
CA TYR A 199 10.59 -2.77 -14.01
C TYR A 199 11.12 -2.58 -12.59
N CYS A 200 10.21 -2.52 -11.63
CA CYS A 200 10.56 -2.31 -10.23
C CYS A 200 11.61 -3.31 -9.72
N HIS A 201 11.35 -4.59 -9.94
CA HIS A 201 12.29 -5.63 -9.56
C HIS A 201 13.66 -5.47 -10.20
N SER A 202 13.71 -4.99 -11.43
CA SER A 202 14.99 -4.80 -12.12
C SER A 202 15.80 -3.68 -11.48
N GLY A 204 15.65 -3.17 -8.09
CA GLY A 204 15.82 -3.51 -6.68
C GLY A 204 14.70 -2.91 -5.83
N ILE A 205 13.57 -2.71 -6.48
CA ILE A 205 12.39 -2.15 -5.83
C ILE A 205 11.28 -3.23 -5.74
N THR A 206 10.81 -3.50 -4.53
CA THR A 206 9.73 -4.45 -4.36
C THR A 206 8.41 -3.79 -4.76
N VAL A 207 7.37 -4.61 -4.90
CA VAL A 207 6.03 -4.11 -5.15
C VAL A 207 5.16 -4.56 -3.99
N THR A 208 4.26 -3.70 -3.55
CA THR A 208 3.27 -4.02 -2.55
C THR A 208 1.89 -3.91 -3.18
N ALA A 209 1.13 -5.00 -3.17
CA ALA A 209 -0.15 -5.02 -3.86
C ALA A 209 -1.25 -4.52 -2.94
N TYR A 210 -1.88 -3.40 -3.29
CA TYR A 210 -3.06 -3.01 -2.55
C TYR A 210 -4.35 -3.39 -3.28
N SER A 211 -5.47 -3.35 -2.57
CA SER A 211 -6.76 -3.85 -3.10
C SER A 211 -6.71 -5.24 -3.76
N PRO A 212 -6.08 -6.21 -3.08
CA PRO A 212 -5.91 -7.52 -3.71
C PRO A 212 -7.24 -8.26 -3.93
N LEU A 213 -8.26 -7.88 -3.17
CA LEU A 213 -9.55 -8.54 -3.31
C LEU A 213 -10.48 -7.69 -4.16
N GLY A 214 -9.93 -6.67 -4.83
CA GLY A 214 -10.75 -5.80 -5.65
C GLY A 214 -11.55 -4.79 -4.84
N SER A 215 -11.15 -4.59 -3.58
CA SER A 215 -11.74 -3.55 -2.73
C SER A 215 -13.27 -3.50 -2.84
N PRO A 216 -13.95 -4.61 -2.48
CA PRO A 216 -15.40 -4.74 -2.74
C PRO A 216 -16.34 -3.76 -2.04
N ASP A 217 -15.92 -3.09 -0.96
CA ASP A 217 -16.82 -2.13 -0.31
C ASP A 217 -16.50 -0.67 -0.63
N ARG A 218 -15.74 -0.44 -1.69
CA ARG A 218 -15.57 0.92 -2.18
C ARG A 218 -16.98 1.40 -2.53
N PRO A 219 -17.36 2.57 -2.01
CA PRO A 219 -18.73 3.07 -2.19
C PRO A 219 -19.02 3.39 -3.65
N TRP A 220 -17.96 3.77 -4.39
CA TRP A 220 -18.09 4.11 -5.80
C TRP A 220 -18.20 2.87 -6.69
N ALA A 221 -18.57 1.76 -6.11
CA ALA A 221 -18.72 0.52 -6.84
C ALA A 221 -20.04 0.42 -7.62
N LYS A 222 -19.93 0.30 -8.94
CA LYS A 222 -21.11 0.16 -9.79
C LYS A 222 -21.28 -1.33 -10.08
N PRO A 223 -22.51 -1.84 -9.96
CA PRO A 223 -22.91 -3.25 -10.07
C PRO A 223 -22.36 -3.97 -11.32
N GLU A 224 -22.08 -3.22 -12.38
CA GLU A 224 -21.46 -3.81 -13.57
C GLU A 224 -19.96 -3.99 -13.41
N ASP A 225 -19.36 -3.31 -12.43
CA ASP A 225 -17.95 -3.51 -12.08
C ASP A 225 -17.67 -4.98 -11.81
N PRO A 226 -16.53 -5.49 -12.32
CA PRO A 226 -16.14 -6.89 -12.11
C PRO A 226 -15.88 -7.20 -10.65
N SER A 227 -16.29 -8.37 -10.19
N SER A 227 -16.30 -8.37 -10.19
CA SER A 227 -16.09 -8.77 -8.81
CA SER A 227 -16.09 -8.77 -8.81
C SER A 227 -15.17 -9.98 -8.69
C SER A 227 -15.16 -9.98 -8.72
N LEU A 228 -13.93 -9.75 -8.28
CA LEU A 228 -12.95 -10.83 -8.12
C LEU A 228 -13.41 -11.96 -7.22
N LEU A 229 -14.00 -11.63 -6.07
CA LEU A 229 -14.38 -12.67 -5.12
C LEU A 229 -15.50 -13.54 -5.63
N GLU A 230 -16.27 -13.00 -6.57
CA GLU A 230 -17.39 -13.76 -7.10
C GLU A 230 -17.03 -14.40 -8.46
N ASP A 231 -15.81 -14.15 -8.93
CA ASP A 231 -15.39 -14.63 -10.25
C ASP A 231 -15.35 -16.16 -10.30
N PRO A 232 -16.12 -16.78 -11.21
CA PRO A 232 -16.21 -18.24 -11.33
C PRO A 232 -14.85 -18.91 -11.50
N ILE A 234 -11.97 -17.72 -10.62
CA ILE A 234 -11.19 -17.61 -9.41
C ILE A 234 -11.69 -18.64 -8.40
N LYS A 235 -13.01 -18.77 -8.31
CA LYS A 235 -13.61 -19.69 -7.35
C LYS A 235 -13.29 -21.16 -7.66
N GLU A 236 -13.05 -21.45 -8.93
CA GLU A 236 -12.73 -22.78 -9.39
C GLU A 236 -11.36 -23.20 -8.84
N ILE A 237 -10.39 -22.29 -8.91
CA ILE A 237 -9.05 -22.58 -8.37
C ILE A 237 -9.06 -22.72 -6.84
N ALA A 238 -9.87 -21.88 -6.19
CA ALA A 238 -10.05 -21.97 -4.74
C ALA A 238 -10.60 -23.34 -4.34
N ALA A 239 -11.67 -23.76 -5.02
CA ALA A 239 -12.29 -25.06 -4.77
C ALA A 239 -11.28 -26.19 -4.88
N LYS A 240 -10.42 -26.12 -5.90
CA LYS A 240 -9.41 -27.14 -6.15
C LYS A 240 -8.51 -27.34 -4.93
N HIS A 241 -8.25 -26.27 -4.19
CA HIS A 241 -7.40 -26.35 -3.02
C HIS A 241 -8.19 -26.41 -1.72
N THR A 244 -10.50 -20.46 0.14
CA THR A 244 -11.43 -19.43 -0.31
C THR A 244 -10.84 -18.66 -1.49
N ALA A 245 -11.70 -17.96 -2.21
CA ALA A 245 -11.23 -17.13 -3.32
C ALA A 245 -10.27 -16.05 -2.80
N ALA A 246 -10.58 -15.48 -1.63
CA ALA A 246 -9.73 -14.47 -1.02
C ALA A 246 -8.31 -15.04 -0.82
N GLN A 247 -8.25 -16.28 -0.35
CA GLN A 247 -6.97 -16.91 -0.09
C GLN A 247 -6.19 -17.13 -1.37
N VAL A 248 -6.88 -17.48 -2.45
CA VAL A 248 -6.23 -17.60 -3.75
C VAL A 248 -5.71 -16.24 -4.26
N LEU A 249 -6.52 -15.20 -4.09
CA LEU A 249 -6.15 -13.85 -4.52
C LEU A 249 -4.93 -13.30 -3.76
N ILE A 250 -4.80 -13.73 -2.52
CA ILE A 250 -3.68 -13.29 -1.70
C ILE A 250 -2.45 -14.10 -2.06
N ARG A 251 -2.62 -15.41 -2.18
CA ARG A 251 -1.52 -16.32 -2.52
C ARG A 251 -0.91 -16.01 -3.89
N PHE A 252 -1.73 -15.55 -4.82
CA PHE A 252 -1.28 -15.09 -6.14
C PHE A 252 -0.08 -14.15 -6.05
N HIS A 253 -0.14 -13.17 -5.15
CA HIS A 253 0.94 -12.19 -5.04
C HIS A 253 2.17 -12.79 -4.39
N ILE A 254 1.95 -13.60 -3.35
CA ILE A 254 3.04 -14.30 -2.66
C ILE A 254 3.91 -15.09 -3.66
N GLN A 255 3.28 -15.77 -4.59
CA GLN A 255 4.08 -16.56 -5.55
C GLN A 255 4.82 -15.72 -6.58
N ARG A 256 4.50 -14.43 -6.66
CA ARG A 256 5.22 -13.53 -7.55
C ARG A 256 6.23 -12.72 -6.76
N ASN A 257 6.41 -13.10 -5.50
CA ASN A 257 7.24 -12.37 -4.55
C ASN A 257 6.77 -10.91 -4.42
N VAL A 258 5.46 -10.72 -4.44
CA VAL A 258 4.90 -9.39 -4.23
C VAL A 258 4.18 -9.31 -2.89
N ILE A 259 4.57 -8.32 -2.08
CA ILE A 259 3.94 -8.09 -0.79
C ILE A 259 2.47 -7.74 -1.01
N VAL A 260 1.61 -8.15 -0.08
CA VAL A 260 0.18 -7.94 -0.25
C VAL A 260 -0.52 -7.56 1.06
N ILE A 261 -1.43 -6.60 0.98
CA ILE A 261 -2.01 -6.01 2.19
C ILE A 261 -3.55 -6.01 2.24
N PRO A 262 -4.17 -7.19 2.33
CA PRO A 262 -5.65 -7.22 2.39
C PRO A 262 -6.14 -6.48 3.63
N SER A 264 -9.11 -5.79 6.40
CA SER A 264 -10.31 -6.31 7.01
C SER A 264 -10.38 -5.85 8.45
N VAL A 265 -11.60 -5.75 8.97
CA VAL A 265 -11.82 -5.52 10.39
C VAL A 265 -12.59 -6.69 10.98
N THR A 266 -12.82 -7.72 10.18
CA THR A 266 -13.60 -8.87 10.61
C THR A 266 -12.64 -9.96 11.06
N PRO A 267 -12.67 -10.33 12.37
CA PRO A 267 -11.69 -11.28 12.89
C PRO A 267 -11.55 -12.56 12.07
N ALA A 268 -12.65 -13.19 11.66
CA ALA A 268 -12.53 -14.41 10.88
C ALA A 268 -11.78 -14.18 9.57
N ARG A 269 -12.03 -13.04 8.92
CA ARG A 269 -11.41 -12.79 7.63
C ARG A 269 -9.94 -12.45 7.79
N ILE A 270 -9.63 -11.66 8.81
CA ILE A 270 -8.24 -11.34 9.15
C ILE A 270 -7.45 -12.63 9.32
N VAL A 271 -8.02 -13.58 10.06
CA VAL A 271 -7.38 -14.88 10.26
C VAL A 271 -7.31 -15.64 8.94
N GLU A 272 -8.43 -15.71 8.22
CA GLU A 272 -8.49 -16.35 6.92
C GLU A 272 -7.40 -15.83 5.97
N ASN A 273 -7.26 -14.51 5.93
CA ASN A 273 -6.34 -13.88 4.98
C ASN A 273 -4.85 -14.18 5.17
N ILE A 274 -4.46 -14.67 6.33
CA ILE A 274 -3.05 -15.02 6.55
C ILE A 274 -2.81 -16.54 6.54
N GLN A 275 -3.89 -17.30 6.34
N GLN A 275 -3.88 -17.32 6.37
CA GLN A 275 -3.79 -18.76 6.21
CA GLN A 275 -3.75 -18.78 6.25
C GLN A 275 -3.48 -19.13 4.77
C GLN A 275 -3.47 -19.13 4.80
N VAL A 276 -2.33 -18.69 4.29
CA VAL A 276 -2.01 -18.80 2.88
C VAL A 276 -0.62 -19.38 2.69
N PHE A 277 -0.12 -20.05 3.72
CA PHE A 277 1.23 -20.59 3.66
C PHE A 277 1.24 -22.12 3.71
N ASP A 278 0.08 -22.72 3.47
CA ASP A 278 -0.09 -24.18 3.51
C ASP A 278 -0.69 -24.75 2.22
N PHE A 279 -0.61 -23.97 1.15
CA PHE A 279 -1.00 -24.46 -0.16
C PHE A 279 -0.19 -23.74 -1.22
N LYS A 280 -0.13 -24.31 -2.41
CA LYS A 280 0.60 -23.70 -3.50
C LYS A 280 -0.22 -23.70 -4.77
N LEU A 281 -0.31 -22.54 -5.42
CA LEU A 281 -0.91 -22.47 -6.76
C LEU A 281 0.05 -23.05 -7.79
N SER A 282 -0.45 -23.92 -8.67
CA SER A 282 0.40 -24.55 -9.67
C SER A 282 0.82 -23.56 -10.75
N ASP A 283 1.82 -23.94 -11.55
CA ASP A 283 2.27 -23.07 -12.63
C ASP A 283 1.12 -22.76 -13.60
N GLU A 284 0.31 -23.76 -13.90
CA GLU A 284 -0.84 -23.57 -14.77
C GLU A 284 -1.89 -22.67 -14.14
N GLU A 285 -2.12 -22.83 -12.83
CA GLU A 285 -3.09 -21.99 -12.15
C GLU A 285 -2.64 -20.52 -12.13
N MET A 286 -1.35 -20.30 -11.89
CA MET A 286 -0.78 -18.97 -11.93
C MET A 286 -0.92 -18.37 -13.33
N ALA A 287 -0.64 -19.18 -14.35
CA ALA A 287 -0.78 -18.75 -15.74
C ALA A 287 -2.22 -18.37 -16.08
N THR A 288 -3.16 -19.19 -15.64
CA THR A 288 -4.57 -18.90 -15.84
C THR A 288 -4.95 -17.58 -15.15
N ILE A 289 -4.55 -17.43 -13.90
CA ILE A 289 -4.89 -16.22 -13.14
C ILE A 289 -4.30 -14.99 -13.82
N LEU A 290 -3.05 -15.09 -14.28
CA LEU A 290 -2.40 -13.99 -14.98
C LEU A 290 -3.15 -13.59 -16.24
N SER A 291 -3.85 -14.54 -16.86
CA SER A 291 -4.56 -14.29 -18.11
C SER A 291 -5.85 -13.50 -17.89
N PHE A 292 -6.22 -13.29 -16.63
CA PHE A 292 -7.43 -12.55 -16.33
C PHE A 292 -7.27 -11.04 -16.45
N ASN A 293 -6.06 -10.57 -16.77
CA ASN A 293 -5.78 -9.14 -16.81
C ASN A 293 -6.72 -8.34 -17.71
N ARG A 294 -7.32 -7.30 -17.13
CA ARG A 294 -8.26 -6.44 -17.82
C ARG A 294 -7.74 -5.01 -17.86
N ASN A 295 -6.59 -4.78 -17.24
CA ASN A 295 -6.13 -3.43 -16.93
C ASN A 295 -7.22 -2.61 -16.26
N TRP A 296 -7.92 -3.25 -15.33
CA TRP A 296 -9.03 -2.60 -14.63
C TRP A 296 -8.59 -2.09 -13.25
N ARG A 297 -8.74 -0.78 -13.02
CA ARG A 297 -8.46 -0.19 -11.72
C ARG A 297 -9.73 -0.02 -10.90
N ALA A 298 -9.71 -0.52 -9.68
CA ALA A 298 -10.81 -0.30 -8.75
C ALA A 298 -10.62 1.07 -8.11
N CYS A 299 -9.38 1.41 -7.85
CA CYS A 299 -9.08 2.62 -7.12
C CYS A 299 -8.55 3.67 -8.07
N ASN A 300 -9.48 4.30 -8.78
CA ASN A 300 -9.17 5.42 -9.65
C ASN A 300 -10.01 6.60 -9.17
N LEU A 301 -9.64 7.16 -8.03
N LEU A 301 -9.60 7.16 -8.03
CA LEU A 301 -10.37 8.27 -7.43
CA LEU A 301 -10.32 8.23 -7.35
C LEU A 301 -10.24 9.59 -8.25
C LEU A 301 -9.99 9.61 -7.91
N LEU A 302 -9.77 9.44 -9.49
N LEU A 302 -8.76 10.03 -7.64
CA LEU A 302 -9.20 10.49 -10.36
CA LEU A 302 -8.32 11.39 -7.86
C LEU A 302 -9.50 11.97 -10.12
C LEU A 302 -8.60 11.92 -9.25
N GLN A 303 -9.93 12.61 -11.21
N GLN A 303 -9.60 12.78 -9.34
CA GLN A 303 -10.05 14.04 -11.30
CA GLN A 303 -9.85 13.54 -10.55
C GLN A 303 -8.76 14.75 -10.86
C GLN A 303 -8.74 14.57 -10.64
N SER A 304 -7.62 14.14 -11.18
CA SER A 304 -6.33 14.83 -11.03
C SER A 304 -5.48 14.66 -12.29
N SER A 305 -6.06 14.02 -13.31
CA SER A 305 -5.41 13.83 -14.62
C SER A 305 -4.84 15.11 -15.24
N HIS A 306 -5.41 16.26 -14.88
CA HIS A 306 -4.99 17.54 -15.43
C HIS A 306 -3.68 18.04 -14.82
N LEU A 307 -3.24 17.42 -13.73
CA LEU A 307 -1.98 17.79 -13.09
C LEU A 307 -0.80 16.99 -13.64
N GLU A 308 0.40 17.55 -13.51
CA GLU A 308 1.62 17.06 -14.17
C GLU A 308 1.99 15.57 -14.08
N ASP A 309 2.19 15.04 -12.88
CA ASP A 309 2.74 13.69 -12.77
C ASP A 309 1.65 12.63 -12.57
N TYR A 310 0.66 12.61 -13.46
CA TYR A 310 -0.44 11.66 -13.36
C TYR A 310 0.04 10.28 -13.76
N PRO A 311 -0.12 9.30 -12.87
CA PRO A 311 0.58 8.04 -13.12
C PRO A 311 -0.18 7.07 -14.01
N PHE A 312 -1.49 7.22 -14.16
CA PHE A 312 -2.30 6.14 -14.74
C PHE A 312 -2.51 6.23 -16.25
N ASN A 313 -1.90 7.24 -16.88
CA ASN A 313 -1.95 7.37 -18.34
C ASN A 313 -0.95 6.44 -19.02
N ALA A 314 0.24 6.34 -18.44
CA ALA A 314 1.32 5.56 -19.02
C ALA A 314 0.94 4.09 -19.16
N GLU A 315 1.65 3.41 -20.06
CA GLU A 315 1.44 1.99 -20.28
C GLU A 315 1.82 1.20 -19.03
N TYR A 316 2.91 1.62 -18.38
CA TYR A 316 3.30 1.09 -17.08
C TYR A 316 4.18 2.08 -16.34
#